data_6G2K
#
_entry.id   6G2K
#
_cell.length_a   34.310
_cell.length_b   79.740
_cell.length_c   51.070
_cell.angle_alpha   90.00
_cell.angle_beta   93.14
_cell.angle_gamma   90.00
#
_symmetry.space_group_name_H-M   'P 1 21 1'
#
loop_
_entity.id
_entity.type
_entity.pdbx_description
1 polymer "RNA (5'-R(P*UP*UP*UP*UP*UP*U)-3')"
2 polymer 'ELAV-like protein 1'
3 non-polymer 'SULFATE ION'
4 water water
#
loop_
_entity_poly.entity_id
_entity_poly.type
_entity_poly.pdbx_seq_one_letter_code
_entity_poly.pdbx_strand_id
1 'polyribonucleotide' UUUUUU R
2 'polypeptide(L)'
;MGW(CME)IFIYNLGQDADEGILWQMFGPFGAVTNVKVIRDFNTNKCKGFGFVTMTNYEEAAMAIASLNGYRLGDKILQV
SFKTNKSHK
;
A,B,C
#
# COMPACT_ATOMS: atom_id res chain seq x y z
N MET B 1 -8.34 33.92 10.51
CA MET B 1 -9.26 34.64 11.45
C MET B 1 -8.68 34.81 12.89
N GLY B 2 -7.36 35.03 13.00
CA GLY B 2 -6.62 34.87 14.29
C GLY B 2 -5.44 33.92 14.13
N TRP B 3 -4.74 33.59 15.23
CA TRP B 3 -3.56 32.71 15.16
C TRP B 3 -4.06 31.30 15.17
N ILE B 5 -3.64 27.45 15.58
CA ILE B 5 -2.86 26.44 16.31
C ILE B 5 -3.21 24.99 15.88
N PHE B 6 -2.21 24.23 15.57
CA PHE B 6 -2.38 22.85 15.14
C PHE B 6 -2.08 21.92 16.30
N ILE B 7 -3.01 21.02 16.58
CA ILE B 7 -2.86 20.04 17.62
C ILE B 7 -2.92 18.65 17.02
N TYR B 8 -1.85 17.90 17.16
CA TYR B 8 -1.76 16.51 16.73
C TYR B 8 -1.79 15.57 17.92
N ASN B 9 -2.44 14.42 17.73
CA ASN B 9 -2.51 13.23 18.62
C ASN B 9 -3.73 13.31 19.56
N LEU B 10 -4.84 13.75 18.99
CA LEU B 10 -6.16 13.61 19.62
C LEU B 10 -6.64 12.15 19.44
N GLY B 11 -7.42 11.65 20.39
CA GLY B 11 -8.10 10.34 20.23
C GLY B 11 -9.21 10.34 19.20
N GLN B 12 -9.55 9.17 18.65
CA GLN B 12 -10.69 9.00 17.72
C GLN B 12 -11.98 9.67 18.24
N ASP B 13 -12.22 9.48 19.51
CA ASP B 13 -13.29 10.04 20.33
C ASP B 13 -13.26 11.56 20.61
N ALA B 14 -12.15 12.25 20.33
CA ALA B 14 -11.93 13.61 20.83
C ALA B 14 -13.09 14.52 20.46
N ASP B 15 -13.44 15.44 21.35
CA ASP B 15 -14.44 16.45 21.01
C ASP B 15 -13.89 17.88 21.16
N GLU B 16 -14.66 18.82 20.65
CA GLU B 16 -14.37 20.23 20.69
C GLU B 16 -14.08 20.71 22.12
N GLY B 17 -14.85 20.19 23.09
CA GLY B 17 -14.78 20.55 24.50
C GLY B 17 -13.42 20.35 25.10
N ILE B 18 -12.73 19.28 24.75
CA ILE B 18 -11.36 19.12 25.24
C ILE B 18 -10.39 20.20 24.71
N LEU B 19 -10.52 20.62 23.47
CA LEU B 19 -9.69 21.72 22.98
C LEU B 19 -9.99 23.03 23.73
N TRP B 20 -11.27 23.34 23.87
CA TRP B 20 -11.66 24.56 24.63
C TRP B 20 -11.06 24.53 26.05
N GLN B 21 -11.23 23.38 26.73
CA GLN B 21 -10.76 23.25 28.10
C GLN B 21 -9.26 23.45 28.26
N MET B 22 -8.49 22.92 27.32
CA MET B 22 -7.04 23.03 27.43
CA MET B 22 -7.03 22.99 27.35
C MET B 22 -6.55 24.42 27.01
N PHE B 23 -7.15 25.01 25.99
CA PHE B 23 -6.68 26.34 25.45
C PHE B 23 -7.29 27.60 26.10
N GLY B 24 -8.58 27.55 26.41
CA GLY B 24 -9.28 28.57 27.23
C GLY B 24 -8.49 29.25 28.34
N PRO B 25 -7.86 28.49 29.27
CA PRO B 25 -7.10 29.13 30.34
C PRO B 25 -6.04 30.12 29.88
N PHE B 26 -5.53 29.98 28.66
CA PHE B 26 -4.40 30.81 28.19
C PHE B 26 -4.82 32.17 27.64
N GLY B 27 -6.07 32.37 27.33
CA GLY B 27 -6.47 33.65 26.73
C GLY B 27 -7.63 33.47 25.83
N ALA B 28 -7.91 34.49 25.02
CA ALA B 28 -9.06 34.49 24.13
C ALA B 28 -8.95 33.40 23.07
N VAL B 29 -9.99 32.59 22.97
CA VAL B 29 -10.07 31.52 21.98
C VAL B 29 -11.35 31.77 21.25
N THR B 30 -11.27 31.88 19.93
CA THR B 30 -12.47 32.16 19.13
C THR B 30 -13.09 31.01 18.39
N ASN B 31 -12.33 29.92 18.21
CA ASN B 31 -12.75 28.81 17.37
C ASN B 31 -11.88 27.61 17.69
N VAL B 32 -12.54 26.46 17.74
CA VAL B 32 -11.85 25.18 17.84
C VAL B 32 -12.50 24.25 16.85
N LYS B 33 -11.72 23.31 16.34
CA LYS B 33 -12.25 22.37 15.37
C LYS B 33 -11.51 21.07 15.49
N VAL B 34 -12.25 19.98 15.65
CA VAL B 34 -11.68 18.64 15.59
C VAL B 34 -11.89 18.11 14.17
N ILE B 35 -10.82 17.65 13.54
CA ILE B 35 -10.91 17.22 12.18
C ILE B 35 -11.36 15.75 12.16
N ARG B 36 -12.47 15.51 11.45
CA ARG B 36 -13.09 14.18 11.41
C ARG B 36 -13.23 13.72 9.96
N ASP B 37 -13.25 12.42 9.76
CA ASP B 37 -13.54 11.91 8.41
C ASP B 37 -14.98 12.32 8.03
N PHE B 38 -15.19 12.82 6.82
CA PHE B 38 -16.52 13.30 6.40
C PHE B 38 -17.69 12.28 6.54
N ASN B 39 -17.50 11.06 6.02
CA ASN B 39 -18.58 10.03 5.98
C ASN B 39 -18.62 9.09 7.22
N THR B 40 -17.57 9.12 8.05
CA THR B 40 -17.57 8.55 9.39
C THR B 40 -16.99 9.58 10.35
N ASN B 41 -17.79 10.19 11.22
CA ASN B 41 -17.27 11.24 12.13
C ASN B 41 -16.32 10.78 13.30
N LYS B 42 -15.29 10.03 12.89
CA LYS B 42 -14.15 9.65 13.67
C LYS B 42 -13.10 10.78 13.49
N CYS B 43 -12.48 11.17 14.59
CA CYS B 43 -11.45 12.17 14.58
C CYS B 43 -10.28 11.59 13.82
N LYS B 44 -9.72 12.38 12.92
CA LYS B 44 -8.56 12.00 12.15
C LYS B 44 -7.25 12.08 12.97
N GLY B 45 -7.33 12.42 14.25
CA GLY B 45 -6.16 12.48 15.13
C GLY B 45 -5.63 13.90 15.30
N PHE B 46 -6.31 14.91 14.77
CA PHE B 46 -5.81 16.28 14.91
C PHE B 46 -6.92 17.32 14.87
N GLY B 47 -6.57 18.54 15.25
CA GLY B 47 -7.57 19.61 15.36
C GLY B 47 -6.85 20.97 15.35
N PHE B 48 -7.63 22.03 15.45
CA PHE B 48 -7.16 23.41 15.32
C PHE B 48 -7.88 24.25 16.29
N VAL B 49 -7.17 25.24 16.82
CA VAL B 49 -7.69 26.22 17.72
C VAL B 49 -7.25 27.58 17.18
N THR B 50 -8.09 28.61 17.32
CA THR B 50 -7.74 29.94 16.88
C THR B 50 -7.77 30.84 18.12
N MET B 51 -6.65 31.50 18.37
CA MET B 51 -6.51 32.49 19.42
C MET B 51 -6.18 33.82 18.84
N THR B 52 -6.67 34.89 19.48
CA THR B 52 -6.52 36.23 18.91
C THR B 52 -5.29 37.02 19.31
N ASN B 53 -4.63 36.69 20.44
CA ASN B 53 -3.46 37.42 21.00
CA ASN B 53 -3.44 37.40 20.79
C ASN B 53 -2.23 36.51 20.73
N TYR B 54 -1.17 37.07 20.12
CA TYR B 54 0.06 36.33 19.87
C TYR B 54 0.71 35.79 21.12
N GLU B 55 0.92 36.59 22.16
CA GLU B 55 1.62 36.10 23.31
C GLU B 55 0.80 34.95 23.99
N GLU B 56 -0.53 35.03 23.94
CA GLU B 56 -1.41 34.06 24.65
C GLU B 56 -1.36 32.75 23.84
N ALA B 57 -1.39 32.87 22.52
CA ALA B 57 -1.19 31.66 21.67
C ALA B 57 0.19 30.98 21.92
N ALA B 58 1.24 31.78 21.95
CA ALA B 58 2.59 31.30 22.24
C ALA B 58 2.71 30.60 23.55
N MET B 59 2.12 31.21 24.57
CA MET B 59 2.05 30.58 25.88
C MET B 59 1.34 29.24 25.84
N ALA B 60 0.22 29.18 25.17
CA ALA B 60 -0.54 27.93 25.07
C ALA B 60 0.36 26.85 24.33
N ILE B 61 1.00 27.26 23.24
CA ILE B 61 1.86 26.36 22.43
C ILE B 61 3.05 25.86 23.20
N ALA B 62 3.72 26.77 23.90
CA ALA B 62 4.90 26.40 24.65
C ALA B 62 4.59 25.54 25.89
N SER B 63 3.40 25.75 26.47
CA SER B 63 2.97 25.01 27.61
C SER B 63 2.33 23.69 27.26
N LEU B 64 1.59 23.61 26.15
CA LEU B 64 0.83 22.37 25.90
C LEU B 64 1.54 21.42 24.95
N ASN B 65 2.49 21.88 24.13
CA ASN B 65 3.28 20.92 23.31
C ASN B 65 3.89 19.88 24.27
N GLY B 66 3.73 18.60 23.95
CA GLY B 66 4.18 17.54 24.79
C GLY B 66 3.19 17.13 25.86
N TYR B 67 2.02 17.77 26.00
CA TYR B 67 1.06 17.37 27.01
C TYR B 67 0.62 15.91 26.83
N ARG B 68 0.49 15.17 27.93
CA ARG B 68 -0.12 13.83 27.89
C ARG B 68 -1.66 13.93 28.05
N LEU B 69 -2.36 13.89 26.94
CA LEU B 69 -3.80 14.03 26.88
C LEU B 69 -4.36 12.66 26.54
N GLY B 70 -5.17 12.12 27.44
CA GLY B 70 -5.51 10.70 27.45
C GLY B 70 -4.23 9.93 27.52
N ASP B 71 -4.02 9.03 26.58
CA ASP B 71 -2.78 8.24 26.62
C ASP B 71 -1.83 8.58 25.48
N LYS B 72 -1.90 9.82 25.00
CA LYS B 72 -1.09 10.26 23.86
C LYS B 72 -0.39 11.54 24.21
N ILE B 73 0.83 11.71 23.67
CA ILE B 73 1.59 12.96 23.79
C ILE B 73 1.21 13.89 22.68
N LEU B 74 0.73 15.10 23.02
CA LEU B 74 0.32 16.04 21.99
C LEU B 74 1.49 16.68 21.37
N GLN B 75 1.31 17.06 20.11
CA GLN B 75 2.20 18.00 19.46
C GLN B 75 1.37 19.19 19.17
N VAL B 76 1.84 20.35 19.65
CA VAL B 76 1.09 21.57 19.55
C VAL B 76 2.00 22.60 18.91
N SER B 77 1.53 23.25 17.86
CA SER B 77 2.34 24.27 17.18
C SER B 77 1.50 25.24 16.41
N PHE B 78 2.14 26.31 15.97
CA PHE B 78 1.53 27.23 15.05
C PHE B 78 1.33 26.48 13.73
N LYS B 79 0.12 26.56 13.17
CA LYS B 79 -0.15 25.86 11.96
C LYS B 79 0.93 26.18 10.90
N THR B 80 1.38 25.13 10.20
CA THR B 80 2.23 25.23 9.01
C THR B 80 1.45 24.74 7.77
N ASN B 81 1.33 25.65 6.79
CA ASN B 81 0.60 25.56 5.48
C ASN B 81 -0.87 25.96 5.55
N MET C 1 -14.83 -0.79 0.69
CA MET C 1 -13.65 -0.20 1.40
C MET C 1 -12.30 -0.87 0.97
N GLY C 2 -12.33 -2.11 0.50
CA GLY C 2 -11.10 -2.88 0.24
C GLY C 2 -10.40 -3.21 1.54
N TRP C 3 -9.14 -3.60 1.44
CA TRP C 3 -8.37 -4.11 2.55
C TRP C 3 -7.08 -3.33 2.64
N ILE C 5 -3.32 -2.67 3.78
CA ILE C 5 -2.09 -3.43 3.98
C ILE C 5 -1.04 -2.44 4.55
N PHE C 6 -0.41 -2.81 5.64
CA PHE C 6 0.64 -2.00 6.28
C PHE C 6 2.03 -2.52 5.85
N ILE C 7 2.91 -1.64 5.42
CA ILE C 7 4.27 -2.06 4.99
C ILE C 7 5.27 -1.39 5.91
N TYR C 8 6.08 -2.18 6.60
CA TYR C 8 7.11 -1.60 7.48
C TYR C 8 8.51 -1.86 6.85
N ASN C 9 9.44 -0.91 7.05
CA ASN C 9 10.87 -0.95 6.63
C ASN C 9 11.16 -0.42 5.26
N LEU C 10 10.43 0.64 4.92
CA LEU C 10 10.70 1.36 3.72
C LEU C 10 11.84 2.32 4.07
N GLY C 11 12.65 2.68 3.07
CA GLY C 11 13.77 3.61 3.23
C GLY C 11 13.28 5.04 3.21
N GLN C 12 14.11 6.00 3.69
CA GLN C 12 13.63 7.40 3.84
C GLN C 12 13.36 8.08 2.49
N ASP C 13 14.00 7.53 1.46
CA ASP C 13 13.75 7.76 0.03
C ASP C 13 12.48 7.17 -0.66
N ALA C 14 11.82 6.19 -0.05
CA ALA C 14 10.82 5.41 -0.79
C ALA C 14 9.78 6.31 -1.41
N ASP C 15 9.26 5.86 -2.54
CA ASP C 15 8.19 6.61 -3.22
C ASP C 15 6.94 5.75 -3.47
N GLU C 16 5.83 6.37 -3.82
CA GLU C 16 4.60 5.65 -4.10
C GLU C 16 4.83 4.64 -5.19
N GLY C 17 5.62 5.02 -6.20
CA GLY C 17 5.95 4.19 -7.38
C GLY C 17 6.41 2.79 -7.01
N ILE C 18 7.27 2.70 -6.02
CA ILE C 18 7.68 1.39 -5.56
C ILE C 18 6.53 0.55 -4.94
N LEU C 19 5.64 1.18 -4.18
CA LEU C 19 4.50 0.42 -3.65
C LEU C 19 3.61 -0.09 -4.80
N TRP C 20 3.31 0.78 -5.78
CA TRP C 20 2.58 0.35 -7.00
C TRP C 20 3.21 -0.85 -7.70
N GLN C 21 4.52 -0.74 -7.91
CA GLN C 21 5.30 -1.80 -8.62
C GLN C 21 5.28 -3.10 -7.89
N MET C 22 5.32 -3.09 -6.58
CA MET C 22 5.38 -4.36 -5.83
CA MET C 22 5.39 -4.37 -5.85
C MET C 22 4.00 -5.01 -5.73
N PHE C 23 2.97 -4.24 -5.40
CA PHE C 23 1.62 -4.79 -5.20
C PHE C 23 0.74 -4.93 -6.44
N GLY C 24 0.95 -4.04 -7.40
CA GLY C 24 0.17 -4.07 -8.64
C GLY C 24 -0.01 -5.43 -9.30
N PRO C 25 1.11 -6.19 -9.42
CA PRO C 25 1.00 -7.48 -10.10
C PRO C 25 0.05 -8.47 -9.48
N PHE C 26 -0.33 -8.27 -8.23
CA PHE C 26 -1.18 -9.24 -7.48
C PHE C 26 -2.67 -9.03 -7.66
N GLY C 27 -3.07 -7.88 -8.18
CA GLY C 27 -4.49 -7.59 -8.39
C GLY C 27 -4.82 -6.14 -8.22
N ALA C 28 -6.11 -5.84 -8.09
CA ALA C 28 -6.57 -4.46 -8.04
C ALA C 28 -6.00 -3.70 -6.80
N VAL C 29 -5.35 -2.58 -7.03
CA VAL C 29 -4.83 -1.66 -5.99
C VAL C 29 -5.52 -0.31 -6.24
N THR C 30 -6.18 0.22 -5.21
CA THR C 30 -6.91 1.47 -5.28
C THR C 30 -6.19 2.62 -4.63
N ASN C 31 -5.22 2.38 -3.77
CA ASN C 31 -4.53 3.51 -3.10
C ASN C 31 -3.21 3.00 -2.57
N VAL C 32 -2.21 3.86 -2.66
CA VAL C 32 -0.92 3.58 -2.04
C VAL C 32 -0.50 4.86 -1.30
N LYS C 33 0.14 4.69 -0.16
CA LYS C 33 0.59 5.82 0.63
C LYS C 33 1.92 5.58 1.31
N VAL C 34 2.89 6.42 0.99
CA VAL C 34 4.11 6.47 1.77
C VAL C 34 3.97 7.54 2.86
N ILE C 35 4.23 7.17 4.13
CA ILE C 35 4.04 8.10 5.23
C ILE C 35 5.34 8.92 5.39
N ARG C 36 5.20 10.25 5.32
CA ARG C 36 6.37 11.17 5.37
C ARG C 36 6.26 12.18 6.49
N ASP C 37 7.39 12.63 6.98
CA ASP C 37 7.39 13.71 7.95
C ASP C 37 6.93 14.99 7.22
N PHE C 38 6.02 15.75 7.86
CA PHE C 38 5.46 16.90 7.22
C PHE C 38 6.55 17.93 6.87
N ASN C 39 7.54 18.07 7.75
CA ASN C 39 8.50 19.17 7.54
C ASN C 39 9.65 18.80 6.63
N THR C 40 10.17 17.58 6.75
CA THR C 40 11.29 17.15 5.87
C THR C 40 10.88 16.42 4.58
N ASN C 41 9.59 16.04 4.44
CA ASN C 41 9.18 15.15 3.36
C ASN C 41 9.95 13.80 3.27
N LYS C 42 10.62 13.35 4.35
CA LYS C 42 11.28 12.05 4.39
C LYS C 42 10.30 10.96 4.79
N CYS C 43 10.52 9.75 4.28
CA CYS C 43 9.68 8.62 4.64
C CYS C 43 10.00 8.25 6.07
N LYS C 44 8.95 8.08 6.89
CA LYS C 44 9.08 7.69 8.26
C LYS C 44 9.33 6.20 8.41
N GLY C 45 9.34 5.46 7.32
CA GLY C 45 9.75 4.05 7.37
C GLY C 45 8.61 3.07 7.13
N PHE C 46 7.41 3.59 6.85
CA PHE C 46 6.28 2.74 6.62
C PHE C 46 5.33 3.34 5.64
N GLY C 47 4.44 2.50 5.16
CA GLY C 47 3.39 2.94 4.23
C GLY C 47 2.25 1.98 4.19
N PHE C 48 1.29 2.28 3.31
CA PHE C 48 0.05 1.51 3.18
C PHE C 48 -0.36 1.32 1.71
N VAL C 49 -1.06 0.23 1.42
CA VAL C 49 -1.63 -0.09 0.09
C VAL C 49 -3.04 -0.60 0.42
N THR C 50 -4.03 -0.16 -0.36
CA THR C 50 -5.34 -0.71 -0.36
C THR C 50 -5.57 -1.56 -1.61
N MET C 51 -5.96 -2.82 -1.38
CA MET C 51 -6.29 -3.76 -2.42
C MET C 51 -7.76 -4.16 -2.26
N THR C 52 -8.45 -4.31 -3.37
CA THR C 52 -9.89 -4.58 -3.30
C THR C 52 -10.33 -5.96 -2.88
N ASN C 53 -9.56 -6.98 -3.25
CA ASN C 53 -9.98 -8.37 -3.07
C ASN C 53 -9.06 -9.04 -2.12
N TYR C 54 -9.64 -9.61 -1.06
CA TYR C 54 -8.87 -10.21 0.04
C TYR C 54 -7.86 -11.26 -0.44
N GLU C 55 -8.28 -12.12 -1.35
CA GLU C 55 -7.38 -13.23 -1.74
C GLU C 55 -6.13 -12.71 -2.47
N GLU C 56 -6.33 -11.71 -3.29
CA GLU C 56 -5.21 -10.97 -3.92
C GLU C 56 -4.27 -10.33 -2.92
N ALA C 57 -4.85 -9.63 -1.93
CA ALA C 57 -4.12 -9.04 -0.86
C ALA C 57 -3.31 -10.09 -0.06
N ALA C 58 -3.94 -11.19 0.21
CA ALA C 58 -3.26 -12.22 0.98
C ALA C 58 -2.09 -12.82 0.23
N MET C 59 -2.24 -12.98 -1.09
CA MET C 59 -1.13 -13.42 -1.97
C MET C 59 0.00 -12.41 -2.01
N ALA C 60 -0.33 -11.11 -2.12
CA ALA C 60 0.70 -10.07 -2.01
C ALA C 60 1.49 -10.18 -0.71
N ILE C 61 0.77 -10.25 0.40
CA ILE C 61 1.39 -10.37 1.72
C ILE C 61 2.24 -11.65 1.75
N ALA C 62 1.73 -12.79 1.28
CA ALA C 62 2.51 -14.03 1.35
C ALA C 62 3.82 -13.91 0.56
N SER C 63 3.85 -13.13 -0.52
CA SER C 63 5.07 -13.00 -1.34
C SER C 63 5.97 -11.91 -0.88
N LEU C 64 5.42 -10.84 -0.32
CA LEU C 64 6.19 -9.63 -0.03
C LEU C 64 6.62 -9.51 1.39
N ASN C 65 5.90 -10.17 2.31
CA ASN C 65 6.37 -10.18 3.70
C ASN C 65 7.76 -10.79 3.72
N GLY C 66 8.72 -10.08 4.28
CA GLY C 66 10.11 -10.56 4.27
C GLY C 66 10.97 -10.23 3.06
N TYR C 67 10.46 -9.41 2.12
CA TYR C 67 11.17 -9.04 0.90
C TYR C 67 12.34 -8.19 1.27
N ARG C 68 13.45 -8.38 0.55
CA ARG C 68 14.60 -7.54 0.77
C ARG C 68 14.42 -6.36 -0.19
N LEU C 69 13.87 -5.26 0.31
CA LEU C 69 13.60 -4.09 -0.50
C LEU C 69 14.67 -3.06 -0.12
N GLY C 70 15.47 -2.67 -1.12
CA GLY C 70 16.73 -1.91 -0.89
C GLY C 70 17.63 -2.77 -0.01
N ASP C 71 18.09 -2.24 1.12
CA ASP C 71 18.84 -3.06 2.07
C ASP C 71 18.04 -3.42 3.36
N LYS C 72 16.70 -3.39 3.31
CA LYS C 72 15.86 -3.69 4.50
C LYS C 72 14.95 -4.91 4.25
N ILE C 73 14.58 -5.62 5.31
CA ILE C 73 13.69 -6.75 5.23
C ILE C 73 12.28 -6.20 5.51
N LEU C 74 11.36 -6.31 4.55
CA LEU C 74 10.00 -5.75 4.77
C LEU C 74 9.17 -6.62 5.70
N GLN C 75 8.35 -5.95 6.48
CA GLN C 75 7.24 -6.55 7.18
C GLN C 75 5.95 -6.09 6.58
N VAL C 76 5.13 -7.03 6.12
CA VAL C 76 3.91 -6.70 5.40
C VAL C 76 2.81 -7.53 6.07
N SER C 77 1.71 -6.86 6.38
CA SER C 77 0.56 -7.48 7.05
CA SER C 77 0.55 -7.44 7.10
C SER C 77 -0.66 -6.59 6.88
N PHE C 78 -1.85 -7.12 7.16
CA PHE C 78 -3.04 -6.30 7.13
C PHE C 78 -2.97 -5.30 8.26
N LYS C 79 -3.33 -4.07 7.96
CA LYS C 79 -3.25 -2.98 8.93
C LYS C 79 -4.07 -3.25 10.19
N THR C 80 -3.45 -3.05 11.37
CA THR C 80 -4.15 -3.11 12.66
C THR C 80 -4.59 -1.76 13.25
N ASN C 81 -5.46 -1.80 14.24
CA ASN C 81 -6.20 -0.66 14.87
C ASN C 81 -7.52 -0.17 14.19
N GLY D 2 -4.97 -24.19 -8.15
CA GLY D 2 -3.61 -24.54 -8.67
C GLY D 2 -2.77 -23.30 -8.91
N TRP D 3 -1.62 -23.45 -9.55
CA TRP D 3 -0.68 -22.33 -9.75
C TRP D 3 -0.73 -21.80 -11.19
N ILE D 5 0.81 -20.20 -14.36
CA ILE D 5 1.99 -19.90 -15.15
C ILE D 5 1.61 -19.05 -16.34
N PHE D 6 2.35 -17.98 -16.56
CA PHE D 6 2.19 -17.09 -17.67
C PHE D 6 3.35 -17.36 -18.63
N ILE D 7 3.03 -17.47 -19.91
CA ILE D 7 4.04 -17.69 -20.97
C ILE D 7 3.85 -16.60 -22.02
N TYR D 8 4.93 -16.07 -22.56
CA TYR D 8 4.85 -15.07 -23.61
C TYR D 8 5.99 -15.23 -24.57
N ASN D 9 5.86 -14.53 -25.69
CA ASN D 9 6.68 -14.65 -26.83
C ASN D 9 6.48 -16.00 -27.57
N LEU D 10 5.24 -16.45 -27.64
CA LEU D 10 4.91 -17.77 -28.25
C LEU D 10 4.93 -17.89 -29.76
N GLY D 11 4.57 -16.81 -30.43
CA GLY D 11 4.53 -16.83 -31.88
C GLY D 11 3.09 -17.11 -32.29
N GLN D 12 2.79 -16.76 -33.55
CA GLN D 12 1.42 -16.76 -34.07
C GLN D 12 0.77 -18.13 -34.18
N ASP D 13 1.60 -19.15 -34.32
CA ASP D 13 1.12 -20.53 -34.60
C ASP D 13 0.96 -21.39 -33.37
N ALA D 14 1.38 -20.90 -32.20
CA ALA D 14 1.26 -21.75 -31.00
C ALA D 14 -0.21 -21.88 -30.63
N ASP D 15 -0.57 -22.99 -30.02
CA ASP D 15 -1.93 -23.27 -29.64
C ASP D 15 -1.89 -24.07 -28.32
N GLU D 16 -3.04 -24.59 -27.89
CA GLU D 16 -3.21 -25.25 -26.63
C GLU D 16 -2.33 -26.50 -26.58
N GLY D 17 -2.34 -27.27 -27.67
CA GLY D 17 -1.47 -28.47 -27.74
C GLY D 17 -0.01 -28.21 -27.44
N ILE D 18 0.52 -27.09 -27.94
CA ILE D 18 1.93 -26.77 -27.69
C ILE D 18 2.10 -26.61 -26.18
N LEU D 19 1.19 -25.87 -25.50
CA LEU D 19 1.30 -25.77 -24.04
C LEU D 19 1.20 -27.13 -23.30
N TRP D 20 0.25 -27.99 -23.71
CA TRP D 20 0.16 -29.32 -23.11
C TRP D 20 1.44 -30.12 -23.29
N GLN D 21 2.00 -30.06 -24.49
CA GLN D 21 3.18 -30.86 -24.83
C GLN D 21 4.46 -30.35 -24.14
N MET D 22 4.56 -29.05 -23.86
CA MET D 22 5.70 -28.52 -23.13
C MET D 22 5.58 -28.72 -21.60
N PHE D 23 4.38 -28.50 -21.07
CA PHE D 23 4.18 -28.47 -19.58
C PHE D 23 3.83 -29.81 -19.00
N GLY D 24 3.15 -30.63 -19.78
CA GLY D 24 2.66 -31.93 -19.34
C GLY D 24 3.74 -32.84 -18.83
N PRO D 25 4.89 -32.89 -19.50
CA PRO D 25 5.96 -33.71 -18.94
C PRO D 25 6.45 -33.31 -17.52
N PHE D 26 6.15 -32.10 -17.04
CA PHE D 26 6.57 -31.66 -15.69
C PHE D 26 5.62 -32.06 -14.56
N GLY D 27 4.38 -32.49 -14.86
CA GLY D 27 3.42 -32.80 -13.80
C GLY D 27 2.00 -32.55 -14.23
N ALA D 28 1.10 -32.49 -13.26
CA ALA D 28 -0.31 -32.34 -13.53
C ALA D 28 -0.64 -30.94 -13.93
N VAL D 29 -1.21 -30.83 -15.13
CA VAL D 29 -1.70 -29.58 -15.59
C VAL D 29 -3.19 -29.75 -15.74
N THR D 30 -3.85 -28.69 -15.35
CA THR D 30 -5.26 -28.65 -15.11
C THR D 30 -5.96 -27.90 -16.23
N ASN D 31 -5.31 -26.85 -16.71
CA ASN D 31 -5.92 -26.02 -17.71
C ASN D 31 -4.80 -25.39 -18.53
N VAL D 32 -5.03 -25.20 -19.82
CA VAL D 32 -4.13 -24.41 -20.61
C VAL D 32 -4.97 -23.40 -21.38
N LYS D 33 -4.44 -22.22 -21.65
CA LYS D 33 -5.21 -21.23 -22.40
C LYS D 33 -4.27 -20.49 -23.30
N VAL D 34 -4.65 -20.30 -24.56
CA VAL D 34 -3.85 -19.48 -25.47
C VAL D 34 -4.67 -18.26 -25.87
N ILE D 35 -4.01 -17.13 -26.06
CA ILE D 35 -4.71 -15.92 -26.42
C ILE D 35 -4.61 -15.71 -27.93
N ARG D 36 -5.77 -15.58 -28.55
CA ARG D 36 -5.93 -15.28 -29.98
C ARG D 36 -6.54 -13.91 -30.17
N ASP D 37 -6.00 -13.13 -31.09
CA ASP D 37 -6.73 -11.95 -31.57
C ASP D 37 -8.18 -12.34 -31.99
N PHE D 38 -9.15 -11.59 -31.49
CA PHE D 38 -10.54 -11.92 -31.75
C PHE D 38 -10.93 -11.92 -33.28
N ASN D 39 -10.19 -11.18 -34.11
CA ASN D 39 -10.48 -11.09 -35.55
C ASN D 39 -9.79 -12.18 -36.39
N THR D 40 -8.61 -12.61 -35.96
CA THR D 40 -7.70 -13.37 -36.81
C THR D 40 -7.58 -14.85 -36.43
N ASN D 41 -7.88 -15.17 -35.16
CA ASN D 41 -7.57 -16.48 -34.60
C ASN D 41 -6.06 -16.89 -34.63
N LYS D 42 -5.13 -15.99 -34.97
CA LYS D 42 -3.70 -16.23 -34.74
C LYS D 42 -3.46 -16.09 -33.24
N CYS D 43 -2.46 -16.80 -32.70
CA CYS D 43 -2.08 -16.65 -31.27
C CYS D 43 -1.53 -15.24 -31.13
N LYS D 44 -1.98 -14.49 -30.13
CA LYS D 44 -1.42 -13.14 -29.85
C LYS D 44 -0.03 -13.19 -29.22
N GLY D 45 0.37 -14.35 -28.78
CA GLY D 45 1.78 -14.56 -28.38
C GLY D 45 1.93 -14.85 -26.90
N PHE D 46 0.82 -14.95 -26.19
CA PHE D 46 0.90 -15.34 -24.83
C PHE D 46 -0.24 -16.20 -24.39
N GLY D 47 -0.01 -16.89 -23.28
CA GLY D 47 -0.85 -17.92 -22.77
C GLY D 47 -0.60 -18.25 -21.28
N PHE D 48 -1.44 -19.10 -20.74
CA PHE D 48 -1.57 -19.33 -19.31
C PHE D 48 -1.73 -20.81 -19.07
N VAL D 49 -0.99 -21.38 -18.12
CA VAL D 49 -1.09 -22.78 -17.79
C VAL D 49 -1.34 -22.88 -16.27
N THR D 50 -2.22 -23.80 -15.87
CA THR D 50 -2.55 -24.03 -14.48
C THR D 50 -1.94 -25.35 -14.10
N MET D 51 -1.02 -25.34 -13.13
CA MET D 51 -0.45 -26.60 -12.63
C MET D 51 -0.78 -26.79 -11.14
N THR D 52 -0.94 -28.02 -10.70
CA THR D 52 -1.56 -28.22 -9.41
C THR D 52 -0.49 -28.19 -8.32
N ASN D 53 0.66 -28.81 -8.55
CA ASN D 53 1.72 -28.89 -7.59
C ASN D 53 2.67 -27.70 -7.76
N TYR D 54 2.87 -26.96 -6.68
CA TYR D 54 3.76 -25.77 -6.67
C TYR D 54 5.20 -26.09 -7.13
N GLU D 55 5.72 -27.19 -6.65
CA GLU D 55 7.06 -27.66 -7.05
C GLU D 55 7.23 -28.01 -8.54
N GLU D 56 6.19 -28.61 -9.13
CA GLU D 56 6.19 -29.00 -10.53
C GLU D 56 6.09 -27.78 -11.40
N ALA D 57 5.23 -26.82 -11.02
CA ALA D 57 5.15 -25.51 -11.65
C ALA D 57 6.52 -24.81 -11.73
N ALA D 58 7.25 -24.86 -10.60
CA ALA D 58 8.54 -24.24 -10.47
C ALA D 58 9.55 -24.94 -11.36
N MET D 59 9.52 -26.26 -11.43
CA MET D 59 10.38 -27.01 -12.35
C MET D 59 10.07 -26.65 -13.82
N ALA D 60 8.79 -26.57 -14.17
CA ALA D 60 8.40 -26.22 -15.54
C ALA D 60 8.89 -24.80 -15.87
N ILE D 61 8.67 -23.88 -14.92
CA ILE D 61 9.05 -22.49 -15.11
C ILE D 61 10.54 -22.35 -15.26
N ALA D 62 11.28 -22.97 -14.37
CA ALA D 62 12.75 -22.88 -14.49
C ALA D 62 13.32 -23.58 -15.75
N SER D 63 12.68 -24.63 -16.23
CA SER D 63 13.24 -25.34 -17.37
C SER D 63 12.78 -24.69 -18.69
N LEU D 64 11.59 -24.08 -18.73
CA LEU D 64 11.04 -23.58 -19.98
C LEU D 64 11.24 -22.09 -20.21
N ASN D 65 11.49 -21.30 -19.17
CA ASN D 65 11.91 -19.95 -19.38
C ASN D 65 13.14 -19.93 -20.23
N GLY D 66 13.10 -19.24 -21.34
CA GLY D 66 14.23 -19.25 -22.24
C GLY D 66 14.22 -20.35 -23.29
N TYR D 67 13.16 -21.15 -23.32
CA TYR D 67 13.07 -22.22 -24.26
C TYR D 67 12.94 -21.69 -25.67
N ARG D 68 13.73 -22.22 -26.59
CA ARG D 68 13.57 -21.84 -27.99
C ARG D 68 12.44 -22.66 -28.69
N LEU D 69 11.30 -22.05 -28.90
CA LEU D 69 10.23 -22.62 -29.65
C LEU D 69 10.38 -22.05 -31.03
N GLY D 70 10.90 -22.88 -31.93
CA GLY D 70 11.00 -22.46 -33.32
C GLY D 70 12.03 -21.33 -33.39
N ASP D 71 11.59 -20.15 -33.77
CA ASP D 71 12.50 -19.03 -33.85
C ASP D 71 12.37 -18.08 -32.65
N LYS D 72 11.60 -18.44 -31.62
CA LYS D 72 11.34 -17.56 -30.49
C LYS D 72 11.86 -18.11 -29.19
N ILE D 73 12.31 -17.20 -28.29
CA ILE D 73 12.77 -17.54 -26.98
C ILE D 73 11.58 -17.24 -26.07
N LEU D 74 11.04 -18.30 -25.49
CA LEU D 74 9.86 -18.16 -24.58
C LEU D 74 10.22 -17.49 -23.23
N GLN D 75 9.30 -16.72 -22.67
CA GLN D 75 9.40 -16.22 -21.32
C GLN D 75 8.25 -16.79 -20.50
N VAL D 76 8.63 -17.42 -19.40
CA VAL D 76 7.78 -18.22 -18.56
C VAL D 76 8.00 -17.79 -17.08
N SER D 77 6.92 -17.57 -16.37
CA SER D 77 7.02 -17.18 -14.92
C SER D 77 5.72 -17.45 -14.22
N PHE D 78 5.75 -17.47 -12.89
CA PHE D 78 4.49 -17.38 -12.15
C PHE D 78 3.86 -16.09 -12.54
N LYS D 79 2.55 -16.10 -12.65
CA LYS D 79 1.79 -14.94 -13.17
C LYS D 79 1.96 -13.58 -12.42
N THR D 80 2.07 -13.67 -11.10
CA THR D 80 2.25 -12.48 -10.22
C THR D 80 3.71 -12.02 -10.17
N ASN D 81 4.63 -12.78 -10.76
CA ASN D 81 6.05 -12.43 -10.68
C ASN D 81 6.44 -11.30 -11.65
#